data_6JZM
#
_entry.id   6JZM
#
_cell.length_a   74.147
_cell.length_b   121.805
_cell.length_c   66.617
_cell.angle_alpha   90.00
_cell.angle_beta   90.00
_cell.angle_gamma   90.00
#
_symmetry.space_group_name_H-M   'C 2 2 21'
#
loop_
_entity.id
_entity.type
_entity.pdbx_description
1 polymer 'Iron/alpha-ketoglutarate-dependent dioxygenase asqJ'
2 non-polymer 'FE (III) ION'
3 non-polymer 'SUCCINIC ACID'
4 non-polymer "(3~{R},3'~{S})-4-methyl-3'-phenyl-spiro[1~{H}-1,4-benzodiazepine-3,2'-oxirane]-2,5-dione"
5 water water
#
_entity_poly.entity_id   1
_entity_poly.type   'polypeptide(L)'
_entity_poly.pdbx_seq_one_letter_code
;MTSKDHVKSQIPRLSAINDLHKIWPTVEEHGAAIIESFLSLDIVRRLNEEVDPFVKIEPIPAAKTKDHPNHVLSTTTRLV
NVLAPISKAYREDVLNSKVLHRICSDAFHVYGDYWVLMGAVMELAPSNPAQPLHRDMRFSHPIVEYLKPDAPATSINFLV
ALSPFTAENGATHVILGSHKWQNLSNVSMDATVRALMNPGDALLITDSTIHCGGAETTGTETRRLLTITMGISQLTPLES
NLAVPRPVIESLTPLAQRLLGWASQRSAAPRDIGLLTIRGNSIEKTMNLKAEQPLHDDEAEPLCRETI
;
_entity_poly.pdbx_strand_id   B
#
loop_
_chem_comp.id
_chem_comp.type
_chem_comp.name
_chem_comp.formula
CQ9 non-polymer (3~{R},3'~{S})-4-methyl-3'-phenyl-spiro[1~{H}-1,4-benzodiazepine-3,2'-oxirane]-2,5-dione 'C17 H14 N2 O3'
FE non-polymer 'FE (III) ION' 'Fe 3'
SIN non-polymer 'SUCCINIC ACID' 'C4 H6 O4'
#
# COMPACT_ATOMS: atom_id res chain seq x y z
N SER A 9 -18.17 7.21 16.44
CA SER A 9 -17.61 7.99 15.32
C SER A 9 -17.11 7.08 14.23
N GLN A 10 -17.57 7.28 13.01
CA GLN A 10 -17.24 6.46 11.85
C GLN A 10 -16.04 7.01 11.09
N ILE A 11 -15.49 6.18 10.21
CA ILE A 11 -14.33 6.59 9.40
C ILE A 11 -14.75 7.73 8.47
N PRO A 12 -14.05 8.86 8.44
CA PRO A 12 -14.45 9.93 7.52
C PRO A 12 -14.32 9.47 6.07
N ARG A 13 -15.29 9.87 5.26
CA ARG A 13 -15.31 9.50 3.85
C ARG A 13 -15.13 10.76 3.02
N LEU A 14 -14.27 10.67 2.00
CA LEU A 14 -13.89 11.84 1.21
C LEU A 14 -13.96 11.53 -0.27
N SER A 15 -14.28 12.54 -1.07
CA SER A 15 -14.24 12.42 -2.51
C SER A 15 -12.81 12.60 -3.02
N ALA A 16 -12.42 11.71 -3.88
CA ALA A 16 -11.10 11.72 -4.47
C ALA A 16 -10.89 12.92 -5.32
N ILE A 17 -11.97 13.45 -5.88
CA ILE A 17 -11.92 14.62 -6.71
C ILE A 17 -12.07 15.88 -5.91
N ASN A 18 -13.26 16.12 -5.42
CA ASN A 18 -13.53 17.32 -4.70
C ASN A 18 -12.81 17.55 -3.38
N ASP A 19 -12.63 16.52 -2.58
CA ASP A 19 -12.05 16.68 -1.26
C ASP A 19 -10.55 16.36 -1.24
N LEU A 20 -9.88 16.49 -2.39
CA LEU A 20 -8.51 16.02 -2.50
C LEU A 20 -7.61 16.60 -1.42
N HIS A 21 -7.67 17.92 -1.22
CA HIS A 21 -6.81 18.58 -0.25
C HIS A 21 -7.14 18.22 1.19
N LYS A 22 -8.24 17.56 1.44
CA LYS A 22 -8.56 17.23 2.78
C LYS A 22 -8.15 15.82 3.18
N ILE A 23 -7.66 15.05 2.24
CA ILE A 23 -7.49 13.63 2.52
C ILE A 23 -6.34 13.41 3.49
N TRP A 24 -5.17 13.96 3.19
CA TRP A 24 -4.09 13.67 4.12
C TRP A 24 -4.33 14.34 5.48
N PRO A 25 -4.78 15.60 5.53
CA PRO A 25 -5.14 16.18 6.84
C PRO A 25 -6.12 15.32 7.62
N THR A 26 -7.10 14.72 6.95
CA THR A 26 -8.03 13.86 7.64
C THR A 26 -7.32 12.66 8.25
N VAL A 27 -6.43 12.01 7.48
CA VAL A 27 -5.73 10.85 8.01
C VAL A 27 -4.79 11.27 9.12
N GLU A 28 -4.11 12.37 8.94
CA GLU A 28 -3.18 12.82 9.94
C GLU A 28 -3.86 13.02 11.29
N GLU A 29 -5.09 13.47 11.27
CA GLU A 29 -5.81 13.75 12.51
C GLU A 29 -6.44 12.50 13.11
N HIS A 30 -7.16 11.73 12.28
CA HIS A 30 -7.97 10.62 12.76
C HIS A 30 -7.34 9.25 12.57
N GLY A 31 -6.31 9.12 11.74
CA GLY A 31 -5.64 7.86 11.53
C GLY A 31 -6.20 7.01 10.39
N ALA A 32 -7.30 7.44 9.79
CA ALA A 32 -7.94 6.68 8.72
C ALA A 32 -8.90 7.59 7.97
N ALA A 33 -9.10 7.29 6.69
CA ALA A 33 -10.13 7.92 5.87
C ALA A 33 -10.43 6.99 4.71
N ILE A 34 -11.63 7.10 4.20
CA ILE A 34 -12.03 6.35 3.05
C ILE A 34 -12.08 7.27 1.85
N ILE A 35 -11.37 6.93 0.81
CA ILE A 35 -11.32 7.70 -0.43
C ILE A 35 -12.34 7.06 -1.37
N GLU A 36 -13.51 7.67 -1.51
CA GLU A 36 -14.51 7.08 -2.39
C GLU A 36 -14.04 7.19 -3.84
N SER A 37 -14.15 6.08 -4.56
CA SER A 37 -13.81 6.02 -5.99
C SER A 37 -12.35 6.41 -6.22
N PHE A 38 -11.46 5.84 -5.39
CA PHE A 38 -10.03 6.06 -5.58
C PHE A 38 -9.57 5.56 -6.95
N LEU A 39 -9.92 4.33 -7.27
CA LEU A 39 -9.70 3.77 -8.60
C LEU A 39 -11.06 3.63 -9.29
N SER A 40 -11.11 3.95 -10.59
CA SER A 40 -12.33 3.78 -11.34
C SER A 40 -12.66 2.30 -11.46
N LEU A 41 -13.93 2.01 -11.69
CA LEU A 41 -14.40 0.65 -11.82
C LEU A 41 -13.68 -0.03 -12.94
N ASP A 42 -13.36 0.71 -13.97
CA ASP A 42 -12.66 0.13 -15.08
C ASP A 42 -11.22 -0.31 -14.75
N ILE A 43 -10.49 0.53 -14.05
CA ILE A 43 -9.16 0.13 -13.61
C ILE A 43 -9.28 -1.11 -12.72
N VAL A 44 -10.28 -1.15 -11.88
CA VAL A 44 -10.48 -2.30 -11.01
C VAL A 44 -10.69 -3.56 -11.83
N ARG A 45 -11.54 -3.48 -12.87
CA ARG A 45 -11.78 -4.62 -13.73
C ARG A 45 -10.50 -5.11 -14.38
N ARG A 46 -9.75 -4.21 -14.96
CA ARG A 46 -8.55 -4.61 -15.65
C ARG A 46 -7.47 -5.22 -14.73
N LEU A 47 -7.31 -4.62 -13.58
CA LEU A 47 -6.38 -5.11 -12.61
C LEU A 47 -6.74 -6.50 -12.13
N ASN A 48 -8.03 -6.72 -11.91
CA ASN A 48 -8.54 -8.02 -11.48
C ASN A 48 -8.23 -9.07 -12.56
N GLU A 49 -8.52 -8.74 -13.79
CA GLU A 49 -8.25 -9.64 -14.89
C GLU A 49 -6.80 -9.99 -15.00
N GLU A 50 -5.98 -8.98 -14.92
CA GLU A 50 -4.56 -9.18 -15.03
C GLU A 50 -3.95 -10.04 -13.91
N VAL A 51 -4.34 -9.81 -12.68
CA VAL A 51 -3.73 -10.58 -11.59
C VAL A 51 -4.39 -11.94 -11.34
N ASP A 52 -5.63 -12.15 -11.82
CA ASP A 52 -6.41 -13.37 -11.57
C ASP A 52 -5.58 -14.64 -11.60
N PRO A 53 -4.95 -14.99 -12.74
CA PRO A 53 -4.23 -16.25 -12.81
C PRO A 53 -3.06 -16.34 -11.84
N PHE A 54 -2.40 -15.22 -11.55
CA PHE A 54 -1.29 -15.26 -10.59
C PHE A 54 -1.79 -15.43 -9.16
N VAL A 55 -3.00 -14.94 -8.85
CA VAL A 55 -3.60 -15.22 -7.56
C VAL A 55 -3.90 -16.72 -7.44
N LYS A 56 -4.42 -17.30 -8.48
CA LYS A 56 -4.78 -18.69 -8.43
C LYS A 56 -3.63 -19.62 -8.22
N ILE A 57 -2.49 -19.35 -8.82
CA ILE A 57 -1.34 -20.25 -8.70
C ILE A 57 -0.47 -19.93 -7.48
N GLU A 58 -0.84 -18.91 -6.69
CA GLU A 58 -0.06 -18.52 -5.50
C GLU A 58 -0.31 -19.52 -4.36
N PRO A 59 0.74 -20.08 -3.77
CA PRO A 59 0.56 -21.01 -2.64
C PRO A 59 0.39 -20.26 -1.33
N ILE A 60 0.27 -21.02 -0.24
CA ILE A 60 0.08 -20.47 1.09
C ILE A 60 1.23 -19.51 1.42
N PRO A 61 0.99 -18.49 2.25
CA PRO A 61 2.06 -17.50 2.52
C PRO A 61 3.36 -18.11 3.01
N ALA A 62 3.29 -19.12 3.87
CA ALA A 62 4.49 -19.84 4.35
C ALA A 62 4.70 -21.16 3.63
N ALA A 63 4.48 -21.20 2.34
CA ALA A 63 4.73 -22.43 1.61
C ALA A 63 6.18 -22.86 1.78
N LYS A 64 6.42 -24.16 1.76
CA LYS A 64 7.75 -24.74 1.93
C LYS A 64 8.69 -24.47 0.80
N THR A 65 8.15 -24.11 -0.32
CA THR A 65 8.94 -23.82 -1.47
C THR A 65 9.53 -22.38 -1.43
N LYS A 66 9.07 -21.54 -0.52
CA LYS A 66 9.55 -20.17 -0.41
C LYS A 66 10.76 -20.04 0.50
N ASP A 67 11.74 -19.25 0.12
CA ASP A 67 12.85 -19.05 1.04
C ASP A 67 12.68 -17.79 1.90
N HIS A 68 11.62 -17.01 1.66
CA HIS A 68 11.18 -15.97 2.60
C HIS A 68 9.70 -16.20 2.93
N PRO A 69 9.37 -17.30 3.61
CA PRO A 69 7.97 -17.57 3.93
C PRO A 69 7.39 -16.50 4.85
N ASN A 70 6.10 -16.23 4.67
CA ASN A 70 5.37 -15.28 5.50
C ASN A 70 4.58 -16.10 6.51
N HIS A 71 5.06 -16.12 7.75
CA HIS A 71 4.46 -16.91 8.82
C HIS A 71 3.31 -16.20 9.54
N VAL A 72 3.04 -14.94 9.19
CA VAL A 72 2.04 -14.15 9.91
C VAL A 72 0.66 -14.23 9.25
N LEU A 73 0.58 -14.18 7.92
CA LEU A 73 -0.72 -14.23 7.28
C LEU A 73 -1.38 -15.61 7.47
N SER A 74 -2.71 -15.61 7.50
CA SER A 74 -3.45 -16.86 7.65
C SER A 74 -3.28 -17.74 6.41
N THR A 75 -3.44 -19.03 6.59
CA THR A 75 -3.36 -19.95 5.51
C THR A 75 -4.42 -19.70 4.46
N THR A 76 -5.46 -18.96 4.81
CA THR A 76 -6.53 -18.65 3.88
C THR A 76 -6.39 -17.28 3.24
N THR A 77 -5.17 -16.79 3.18
CA THR A 77 -4.81 -15.57 2.48
C THR A 77 -3.87 -15.93 1.33
N ARG A 78 -4.00 -15.23 0.22
CA ARG A 78 -3.07 -15.33 -0.88
C ARG A 78 -2.60 -13.86 -1.11
N LEU A 79 -1.30 -13.67 -1.17
CA LEU A 79 -0.71 -12.37 -1.40
C LEU A 79 0.22 -12.46 -2.59
N VAL A 80 0.01 -11.58 -3.57
CA VAL A 80 0.80 -11.51 -4.79
C VAL A 80 1.36 -10.10 -4.88
N ASN A 81 2.67 -9.95 -4.76
CA ASN A 81 3.28 -8.64 -4.91
C ASN A 81 4.12 -8.61 -6.19
N VAL A 82 4.93 -7.56 -6.34
CA VAL A 82 5.71 -7.30 -7.55
C VAL A 82 4.74 -7.34 -8.74
N LEU A 83 3.82 -6.38 -8.76
CA LEU A 83 2.72 -6.39 -9.70
C LEU A 83 3.09 -5.81 -11.06
N ALA A 84 4.12 -4.98 -11.12
CA ALA A 84 4.46 -4.30 -12.38
C ALA A 84 4.59 -5.26 -13.55
N PRO A 85 5.33 -6.35 -13.45
CA PRO A 85 5.46 -7.25 -14.60
C PRO A 85 4.20 -7.98 -15.00
N ILE A 86 3.26 -8.00 -14.10
CA ILE A 86 2.04 -8.74 -14.24
C ILE A 86 0.90 -7.90 -14.72
N SER A 87 0.87 -6.62 -14.38
CA SER A 87 -0.28 -5.81 -14.70
C SER A 87 -0.05 -4.46 -15.29
N LYS A 88 -0.60 -4.27 -16.48
CA LYS A 88 -0.56 -2.96 -17.13
C LYS A 88 -1.35 -1.90 -16.36
N ALA A 89 -2.55 -2.25 -15.91
CA ALA A 89 -3.33 -1.27 -15.15
C ALA A 89 -2.55 -0.77 -13.93
N TYR A 90 -1.88 -1.69 -13.23
CA TYR A 90 -1.10 -1.29 -12.05
C TYR A 90 0.03 -0.34 -12.43
N ARG A 91 0.90 -0.78 -13.36
CA ARG A 91 2.11 -0.02 -13.60
C ARG A 91 1.85 1.28 -14.36
N GLU A 92 0.71 1.41 -15.01
CA GLU A 92 0.38 2.61 -15.71
C GLU A 92 -0.58 3.48 -14.92
N ASP A 93 -1.80 3.03 -14.73
CA ASP A 93 -2.78 3.77 -14.04
C ASP A 93 -2.55 3.92 -12.55
N VAL A 94 -2.20 2.84 -11.88
CA VAL A 94 -2.09 2.98 -10.44
C VAL A 94 -0.82 3.73 -10.06
N LEU A 95 0.32 3.33 -10.61
CA LEU A 95 1.57 3.97 -10.20
C LEU A 95 1.62 5.45 -10.55
N ASN A 96 0.71 5.91 -11.41
CA ASN A 96 0.66 7.32 -11.81
C ASN A 96 -0.56 8.06 -11.25
N SER A 97 -1.30 7.45 -10.34
CA SER A 97 -2.49 8.08 -9.77
C SER A 97 -2.21 9.49 -9.25
N LYS A 98 -2.94 10.47 -9.76
CA LYS A 98 -2.75 11.82 -9.27
C LYS A 98 -3.19 11.92 -7.83
N VAL A 99 -4.24 11.25 -7.51
CA VAL A 99 -4.72 11.28 -6.14
C VAL A 99 -3.65 10.71 -5.21
N LEU A 100 -3.10 9.56 -5.57
CA LEU A 100 -2.07 8.93 -4.75
C LEU A 100 -0.88 9.85 -4.54
N HIS A 101 -0.43 10.50 -5.62
CA HIS A 101 0.77 11.31 -5.49
C HIS A 101 0.53 12.62 -4.75
N ARG A 102 -0.65 13.21 -4.82
CA ARG A 102 -0.90 14.39 -4.02
C ARG A 102 -0.87 14.00 -2.53
N ILE A 103 -1.56 12.93 -2.20
CA ILE A 103 -1.58 12.48 -0.81
C ILE A 103 -0.15 12.18 -0.32
N CYS A 104 0.62 11.43 -1.11
CA CYS A 104 1.96 11.05 -0.68
C CYS A 104 2.87 12.26 -0.52
N SER A 105 2.81 13.20 -1.47
CA SER A 105 3.62 14.41 -1.30
C SER A 105 3.11 15.25 -0.13
N ASP A 106 1.80 15.31 0.13
CA ASP A 106 1.32 15.94 1.36
C ASP A 106 1.95 15.27 2.58
N ALA A 107 1.91 13.93 2.62
CA ALA A 107 2.29 13.20 3.81
C ALA A 107 3.79 13.23 4.05
N PHE A 108 4.60 13.16 2.99
CA PHE A 108 6.02 12.88 3.18
C PHE A 108 6.93 14.05 2.87
N HIS A 109 6.37 15.24 2.68
CA HIS A 109 7.18 16.36 2.35
C HIS A 109 8.26 16.65 3.35
N VAL A 110 8.03 16.38 4.63
CA VAL A 110 9.07 16.71 5.59
C VAL A 110 10.29 15.82 5.38
N TYR A 111 10.10 14.60 4.83
CA TYR A 111 11.21 13.64 4.65
C TYR A 111 11.87 13.70 3.28
N GLY A 112 11.09 13.90 2.22
CA GLY A 112 11.64 13.89 0.87
C GLY A 112 10.90 12.93 -0.05
N ASP A 113 11.60 12.35 -1.03
CA ASP A 113 10.93 11.44 -1.97
C ASP A 113 10.32 10.23 -1.24
N TYR A 114 9.31 9.63 -1.89
CA TYR A 114 8.68 8.40 -1.44
C TYR A 114 8.67 7.41 -2.60
N TRP A 115 8.49 6.14 -2.25
CA TRP A 115 8.36 5.08 -3.26
C TRP A 115 7.44 4.00 -2.73
N VAL A 116 7.28 2.95 -3.53
CA VAL A 116 6.41 1.83 -3.15
C VAL A 116 7.19 0.90 -2.22
N LEU A 117 6.76 0.78 -0.96
CA LEU A 117 7.35 -0.26 -0.14
C LEU A 117 6.76 -1.63 -0.50
N MET A 118 5.46 -1.68 -0.81
CA MET A 118 4.87 -2.90 -1.37
C MET A 118 3.54 -2.58 -2.03
N GLY A 119 3.36 -3.09 -3.24
CA GLY A 119 2.05 -3.12 -3.88
C GLY A 119 1.66 -4.57 -4.09
N ALA A 120 0.60 -5.01 -3.42
CA ALA A 120 0.22 -6.41 -3.43
C ALA A 120 -1.28 -6.55 -3.58
N VAL A 121 -1.70 -7.59 -4.29
CA VAL A 121 -3.09 -8.05 -4.25
C VAL A 121 -3.21 -9.09 -3.15
N MET A 122 -4.19 -8.92 -2.28
CA MET A 122 -4.49 -9.88 -1.22
C MET A 122 -5.89 -10.43 -1.46
N GLU A 123 -6.01 -11.75 -1.53
CA GLU A 123 -7.31 -12.38 -1.68
C GLU A 123 -7.56 -13.29 -0.48
N LEU A 124 -8.74 -13.15 0.13
CA LEU A 124 -9.11 -13.87 1.34
C LEU A 124 -10.16 -14.91 0.98
N ALA A 125 -9.90 -16.17 1.35
CA ALA A 125 -10.85 -17.23 1.05
C ALA A 125 -12.10 -17.07 1.91
N PRO A 126 -13.21 -17.67 1.49
CA PRO A 126 -14.40 -17.68 2.36
C PRO A 126 -14.05 -18.20 3.74
N SER A 127 -14.65 -17.59 4.76
CA SER A 127 -14.46 -17.93 6.17
C SER A 127 -13.07 -17.55 6.69
N ASN A 128 -12.32 -16.71 5.96
CA ASN A 128 -11.07 -16.17 6.48
C ASN A 128 -11.32 -15.56 7.87
N PRO A 129 -10.54 -15.92 8.88
CA PRO A 129 -10.71 -15.30 10.20
C PRO A 129 -10.17 -13.87 10.19
N ALA A 130 -10.65 -13.10 11.17
CA ALA A 130 -10.15 -11.73 11.33
C ALA A 130 -8.70 -11.79 11.78
N GLN A 131 -7.93 -10.80 11.34
CA GLN A 131 -6.55 -10.67 11.78
C GLN A 131 -6.52 -10.12 13.21
N PRO A 132 -5.47 -10.41 13.97
CA PRO A 132 -5.27 -9.68 15.22
C PRO A 132 -5.05 -8.19 14.92
N LEU A 133 -5.56 -7.35 15.81
CA LEU A 133 -5.34 -5.91 15.69
C LEU A 133 -3.85 -5.62 15.70
N HIS A 134 -3.40 -4.75 14.79
CA HIS A 134 -1.97 -4.56 14.66
C HIS A 134 -1.65 -3.22 14.00
N ARG A 135 -0.38 -2.85 14.12
CA ARG A 135 0.25 -1.82 13.30
C ARG A 135 1.11 -2.50 12.23
N ASP A 136 1.21 -1.87 11.07
CA ASP A 136 2.05 -2.41 10.01
C ASP A 136 3.53 -2.13 10.31
N MET A 137 4.40 -2.81 9.56
CA MET A 137 5.85 -2.58 9.46
C MET A 137 6.64 -3.27 10.58
N ARG A 138 5.99 -3.88 11.55
CA ARG A 138 6.72 -4.51 12.63
C ARG A 138 7.38 -5.86 12.31
N PHE A 139 7.09 -6.43 11.17
CA PHE A 139 7.72 -7.70 10.80
C PHE A 139 8.77 -7.51 9.72
N SER A 140 9.11 -6.26 9.42
CA SER A 140 10.08 -5.92 8.38
C SER A 140 10.98 -4.76 8.74
N HIS A 141 10.51 -3.77 9.50
CA HIS A 141 11.27 -2.55 9.77
C HIS A 141 11.24 -2.26 11.28
N PRO A 142 11.90 -3.09 12.07
CA PRO A 142 12.11 -2.76 13.48
C PRO A 142 12.46 -1.30 13.78
N ILE A 143 13.21 -0.66 12.88
CA ILE A 143 13.64 0.72 13.11
C ILE A 143 12.46 1.62 13.42
N VAL A 144 11.31 1.36 12.80
CA VAL A 144 10.15 2.23 12.95
C VAL A 144 9.73 2.34 14.41
N GLU A 145 9.90 1.27 15.17
CA GLU A 145 9.51 1.25 16.59
C GLU A 145 10.38 2.16 17.43
N TYR A 146 11.53 2.53 16.92
CA TYR A 146 12.44 3.39 17.67
C TYR A 146 12.26 4.87 17.35
N LEU A 147 11.31 5.22 16.50
CA LEU A 147 11.05 6.61 16.19
C LEU A 147 10.37 7.29 17.37
N LYS A 148 10.61 8.56 17.55
CA LYS A 148 9.92 9.31 18.57
C LYS A 148 8.42 9.21 18.27
N PRO A 149 7.61 9.24 19.31
CA PRO A 149 6.18 9.07 19.10
C PRO A 149 5.52 10.13 18.27
N ASP A 150 6.10 11.29 18.14
CA ASP A 150 5.49 12.29 17.34
C ASP A 150 6.14 12.54 15.99
N ALA A 151 7.02 11.65 15.60
CA ALA A 151 7.64 11.75 14.31
C ALA A 151 6.60 11.55 13.23
N PRO A 152 6.68 12.31 12.16
CA PRO A 152 5.68 12.13 11.08
C PRO A 152 5.77 10.71 10.53
N ALA A 153 4.60 10.20 10.13
CA ALA A 153 4.56 8.84 9.62
C ALA A 153 5.50 8.67 8.45
N THR A 154 6.25 7.57 8.46
CA THR A 154 7.20 7.28 7.42
C THR A 154 6.66 6.33 6.35
N SER A 155 5.49 5.71 6.59
CA SER A 155 4.79 5.00 5.51
C SER A 155 3.30 5.09 5.79
N ILE A 156 2.51 4.92 4.73
CA ILE A 156 1.06 4.88 4.81
C ILE A 156 0.59 3.73 3.92
N ASN A 157 -0.66 3.30 4.12
CA ASN A 157 -1.13 2.09 3.43
C ASN A 157 -2.50 2.37 2.81
N PHE A 158 -2.57 2.30 1.47
CA PHE A 158 -3.82 2.35 0.71
C PHE A 158 -4.37 0.93 0.61
N LEU A 159 -5.52 0.67 1.23
CA LEU A 159 -6.18 -0.62 1.12
C LEU A 159 -7.35 -0.42 0.16
N VAL A 160 -7.16 -0.80 -1.10
CA VAL A 160 -8.11 -0.52 -2.17
C VAL A 160 -9.01 -1.73 -2.35
N ALA A 161 -10.32 -1.54 -2.21
CA ALA A 161 -11.25 -2.64 -2.43
C ALA A 161 -11.26 -3.03 -3.90
N LEU A 162 -11.00 -4.30 -4.18
CA LEU A 162 -11.14 -4.85 -5.53
C LEU A 162 -12.43 -5.65 -5.65
N SER A 163 -13.15 -5.79 -4.54
CA SER A 163 -14.49 -6.33 -4.48
C SER A 163 -15.16 -5.72 -3.26
N PRO A 164 -16.47 -5.94 -3.07
CA PRO A 164 -17.17 -5.24 -1.98
C PRO A 164 -16.64 -5.60 -0.60
N PHE A 165 -16.55 -4.58 0.26
CA PHE A 165 -16.22 -4.69 1.68
C PHE A 165 -17.51 -4.50 2.46
N THR A 166 -18.04 -5.58 3.02
CA THR A 166 -19.23 -5.53 3.88
C THR A 166 -18.87 -5.97 5.29
N ALA A 167 -19.71 -5.61 6.26
CA ALA A 167 -19.52 -6.11 7.61
C ALA A 167 -19.52 -7.63 7.63
N GLU A 168 -20.38 -8.18 6.82
CA GLU A 168 -20.56 -9.58 6.73
C GLU A 168 -19.39 -10.39 6.18
N ASN A 169 -18.71 -9.83 5.19
CA ASN A 169 -17.62 -10.53 4.51
C ASN A 169 -16.23 -10.12 5.00
N GLY A 170 -16.14 -9.39 6.10
CA GLY A 170 -14.86 -9.12 6.73
C GLY A 170 -14.20 -7.78 6.41
N ALA A 171 -14.99 -6.75 6.13
CA ALA A 171 -14.44 -5.41 5.95
C ALA A 171 -13.49 -5.05 7.09
N THR A 172 -12.47 -4.28 6.74
CA THR A 172 -11.39 -3.90 7.65
C THR A 172 -11.93 -3.22 8.90
N HIS A 173 -11.24 -3.45 10.02
CA HIS A 173 -11.46 -2.73 11.28
C HIS A 173 -10.34 -1.73 11.50
N VAL A 174 -10.69 -0.52 11.95
CA VAL A 174 -9.67 0.44 12.38
C VAL A 174 -10.09 1.01 13.73
N ILE A 175 -9.11 1.47 14.50
CA ILE A 175 -9.37 2.22 15.73
C ILE A 175 -9.02 3.67 15.47
N LEU A 176 -10.04 4.52 15.33
CA LEU A 176 -9.78 5.92 15.05
C LEU A 176 -8.99 6.55 16.20
N GLY A 177 -7.98 7.33 15.83
CA GLY A 177 -7.10 7.98 16.78
C GLY A 177 -5.96 7.14 17.30
N SER A 178 -5.94 5.84 16.98
CA SER A 178 -4.94 4.94 17.55
C SER A 178 -3.55 5.15 16.99
N HIS A 179 -3.42 5.85 15.87
CA HIS A 179 -2.09 6.18 15.36
C HIS A 179 -1.31 7.09 16.32
N LYS A 180 -2.00 7.77 17.24
CA LYS A 180 -1.37 8.59 18.26
C LYS A 180 -1.26 7.91 19.60
N TRP A 181 -1.74 6.67 19.74
CA TRP A 181 -1.71 6.01 21.05
C TRP A 181 -0.30 5.52 21.33
N GLN A 182 0.06 5.67 22.59
CA GLN A 182 1.30 5.20 23.13
C GLN A 182 1.11 4.00 24.07
N ASN A 183 0.10 4.06 24.93
CA ASN A 183 -0.24 3.00 25.85
C ASN A 183 -1.32 2.21 25.12
N LEU A 184 -1.16 0.90 25.02
CA LEU A 184 -2.10 0.06 24.27
C LEU A 184 -3.02 -0.75 25.17
N SER A 185 -3.57 -0.13 26.17
CA SER A 185 -4.41 -0.82 27.11
C SER A 185 -5.83 -0.94 26.66
N ASN A 186 -6.28 -0.03 25.84
CA ASN A 186 -7.65 -0.08 25.39
C ASN A 186 -7.79 -0.73 24.05
N VAL A 187 -6.78 -1.46 23.61
CA VAL A 187 -6.91 -2.04 22.30
C VAL A 187 -7.85 -3.17 22.48
N SER A 188 -8.91 -3.12 21.73
CA SER A 188 -9.90 -4.18 21.66
C SER A 188 -10.78 -3.97 20.45
N MET A 189 -11.38 -5.05 19.99
CA MET A 189 -12.35 -4.94 18.91
C MET A 189 -13.49 -4.01 19.28
N ASP A 190 -13.79 -3.85 20.58
CA ASP A 190 -14.84 -2.94 21.02
C ASP A 190 -14.58 -1.52 20.54
N ALA A 191 -13.34 -1.18 20.27
CA ALA A 191 -12.99 0.20 19.95
C ALA A 191 -13.00 0.48 18.45
N THR A 192 -13.32 -0.52 17.61
CA THR A 192 -13.14 -0.39 16.17
C THR A 192 -14.42 0.09 15.49
N VAL A 193 -14.22 0.68 14.30
CA VAL A 193 -15.27 0.86 13.31
C VAL A 193 -14.82 0.20 12.01
N ARG A 194 -15.77 0.05 11.09
CA ARG A 194 -15.59 -0.75 9.89
C ARG A 194 -15.39 0.15 8.69
N ALA A 195 -14.67 -0.36 7.69
CA ALA A 195 -14.45 0.33 6.42
C ALA A 195 -15.34 -0.35 5.38
N LEU A 196 -16.59 0.10 5.29
CA LEU A 196 -17.48 -0.42 4.26
C LEU A 196 -17.13 0.25 2.97
N MET A 197 -16.94 -0.52 1.92
CA MET A 197 -16.44 0.08 0.69
C MET A 197 -16.96 -0.70 -0.50
N ASN A 198 -17.16 0.03 -1.58
CA ASN A 198 -17.44 -0.48 -2.91
C ASN A 198 -16.14 -0.70 -3.63
N PRO A 199 -16.12 -1.51 -4.69
CA PRO A 199 -14.87 -1.69 -5.45
C PRO A 199 -14.36 -0.35 -5.95
N GLY A 200 -13.06 -0.12 -5.80
CA GLY A 200 -12.44 1.13 -6.18
C GLY A 200 -12.32 2.14 -5.05
N ASP A 201 -13.13 2.02 -4.00
CA ASP A 201 -12.89 2.81 -2.81
C ASP A 201 -11.59 2.36 -2.16
N ALA A 202 -10.98 3.26 -1.39
CA ALA A 202 -9.74 2.96 -0.68
C ALA A 202 -9.80 3.42 0.78
N LEU A 203 -9.31 2.57 1.66
CA LEU A 203 -9.05 2.93 3.05
C LEU A 203 -7.59 3.30 3.21
N LEU A 204 -7.35 4.51 3.71
CA LEU A 204 -6.00 5.03 3.89
C LEU A 204 -5.70 5.12 5.37
N ILE A 205 -4.63 4.43 5.80
CA ILE A 205 -4.20 4.41 7.20
C ILE A 205 -2.72 4.77 7.22
N THR A 206 -2.20 5.07 8.41
CA THR A 206 -0.76 5.23 8.53
C THR A 206 -0.15 3.96 9.12
N ASP A 207 1.19 3.93 9.20
CA ASP A 207 1.87 2.81 9.83
C ASP A 207 1.63 2.71 11.34
N SER A 208 0.99 3.70 11.98
CA SER A 208 0.69 3.60 13.40
C SER A 208 -0.78 3.32 13.67
N THR A 209 -1.61 3.30 12.64
CA THR A 209 -3.03 3.04 12.84
C THR A 209 -3.25 1.58 13.16
N ILE A 210 -3.92 1.32 14.27
CA ILE A 210 -4.23 -0.04 14.67
C ILE A 210 -5.46 -0.50 13.89
N HIS A 211 -5.37 -1.66 13.25
CA HIS A 211 -6.40 -2.13 12.33
C HIS A 211 -6.30 -3.64 12.22
N CYS A 212 -7.29 -4.23 11.56
CA CYS A 212 -7.20 -5.64 11.24
C CYS A 212 -8.21 -5.96 10.13
N GLY A 213 -7.85 -6.86 9.22
CA GLY A 213 -8.85 -7.49 8.39
C GLY A 213 -9.94 -8.11 9.23
N GLY A 214 -11.15 -8.15 8.68
CA GLY A 214 -12.29 -8.66 9.43
C GLY A 214 -12.56 -10.14 9.18
N ALA A 215 -13.38 -10.73 10.05
CA ALA A 215 -13.77 -12.13 9.90
C ALA A 215 -14.79 -12.26 8.78
N GLU A 216 -14.53 -13.20 7.86
CA GLU A 216 -15.48 -13.50 6.79
C GLU A 216 -16.54 -14.46 7.37
N THR A 217 -17.82 -14.05 7.35
CA THR A 217 -18.86 -14.85 8.01
C THR A 217 -19.88 -15.47 7.06
N THR A 218 -19.88 -15.09 5.78
CA THR A 218 -20.86 -15.70 4.87
C THR A 218 -20.52 -17.15 4.57
N GLY A 219 -19.23 -17.49 4.55
CA GLY A 219 -18.79 -18.78 4.07
C GLY A 219 -18.81 -18.95 2.57
N THR A 220 -19.12 -17.89 1.81
CA THR A 220 -19.15 -17.98 0.34
C THR A 220 -18.48 -16.82 -0.38
N GLU A 221 -18.23 -15.67 0.25
CA GLU A 221 -17.70 -14.56 -0.52
C GLU A 221 -16.17 -14.58 -0.48
N THR A 222 -15.55 -14.27 -1.61
CA THR A 222 -14.10 -14.15 -1.71
C THR A 222 -13.75 -12.67 -1.85
N ARG A 223 -13.20 -12.08 -0.79
CA ARG A 223 -12.87 -10.66 -0.75
C ARG A 223 -11.43 -10.45 -1.23
N ARG A 224 -11.24 -9.43 -2.08
CA ARG A 224 -9.92 -9.13 -2.64
C ARG A 224 -9.63 -7.65 -2.48
N LEU A 225 -8.34 -7.31 -2.29
CA LEU A 225 -7.97 -5.92 -2.16
C LEU A 225 -6.57 -5.73 -2.76
N LEU A 226 -6.29 -4.48 -3.11
CA LEU A 226 -4.95 -4.04 -3.49
C LEU A 226 -4.41 -3.18 -2.36
N THR A 227 -3.35 -3.65 -1.70
CA THR A 227 -2.70 -2.89 -0.64
C THR A 227 -1.45 -2.22 -1.23
N ILE A 228 -1.39 -0.90 -1.14
CA ILE A 228 -0.24 -0.14 -1.63
C ILE A 228 0.38 0.55 -0.42
N THR A 229 1.53 0.04 0.03
CA THR A 229 2.26 0.70 1.11
C THR A 229 3.23 1.67 0.47
N MET A 230 3.01 2.95 0.70
CA MET A 230 3.88 4.00 0.21
C MET A 230 4.72 4.48 1.39
N GLY A 231 6.04 4.63 1.19
CA GLY A 231 6.93 5.02 2.26
C GLY A 231 8.04 5.93 1.76
N ILE A 232 8.70 6.62 2.71
CA ILE A 232 9.79 7.49 2.30
C ILE A 232 10.88 6.63 1.66
N SER A 233 11.60 7.22 0.70
CA SER A 233 12.63 6.50 -0.06
C SER A 233 13.84 6.16 0.77
N GLN A 234 13.89 6.67 2.00
CA GLN A 234 14.92 6.33 2.96
C GLN A 234 14.74 4.94 3.57
N LEU A 235 13.55 4.34 3.41
CA LEU A 235 13.23 3.02 3.95
C LEU A 235 13.22 1.97 2.83
N THR A 236 13.75 0.79 3.14
CA THR A 236 13.89 -0.25 2.12
C THR A 236 12.54 -0.91 1.85
N PRO A 237 12.17 -1.10 0.58
CA PRO A 237 10.90 -1.78 0.28
C PRO A 237 10.88 -3.23 0.73
N LEU A 238 9.67 -3.68 1.04
CA LEU A 238 9.46 -5.10 1.33
C LEU A 238 9.69 -5.97 0.09
N GLU A 239 9.50 -5.41 -1.11
CA GLU A 239 9.54 -6.17 -2.35
C GLU A 239 10.59 -5.56 -3.29
N SER A 240 11.10 -6.39 -4.20
CA SER A 240 12.13 -6.00 -5.15
C SER A 240 11.59 -6.04 -6.57
N ASN A 241 11.92 -5.00 -7.34
CA ASN A 241 11.68 -4.96 -8.78
C ASN A 241 12.95 -5.19 -9.58
N LEU A 242 13.99 -5.70 -8.94
CA LEU A 242 15.27 -5.88 -9.62
C LEU A 242 15.15 -6.86 -10.78
N ALA A 243 14.20 -7.79 -10.73
CA ALA A 243 14.07 -8.84 -11.74
C ALA A 243 13.07 -8.49 -12.83
N VAL A 244 12.44 -7.35 -12.75
CA VAL A 244 11.50 -6.93 -13.74
C VAL A 244 12.25 -6.65 -15.06
N PRO A 245 11.76 -7.16 -16.18
CA PRO A 245 12.47 -6.95 -17.45
C PRO A 245 12.62 -5.49 -17.83
N ARG A 246 13.82 -5.13 -18.28
CA ARG A 246 14.12 -3.80 -18.68
C ARG A 246 13.12 -3.22 -19.66
N PRO A 247 12.69 -3.99 -20.65
CA PRO A 247 11.64 -3.48 -21.56
C PRO A 247 10.41 -3.00 -20.80
N VAL A 248 10.00 -3.74 -19.77
CA VAL A 248 8.84 -3.33 -18.98
C VAL A 248 9.15 -2.02 -18.26
N ILE A 249 10.29 -1.98 -17.56
CA ILE A 249 10.69 -0.76 -16.86
C ILE A 249 10.71 0.42 -17.81
N GLU A 250 11.32 0.25 -18.99
CA GLU A 250 11.41 1.39 -19.90
C GLU A 250 10.07 1.75 -20.55
N SER A 251 9.00 0.97 -20.33
CA SER A 251 7.67 1.42 -20.77
C SER A 251 7.00 2.37 -19.78
N LEU A 252 7.58 2.56 -18.59
CA LEU A 252 6.93 3.31 -17.52
C LEU A 252 7.28 4.81 -17.59
N THR A 253 6.50 5.62 -16.88
CA THR A 253 6.86 7.02 -16.72
C THR A 253 8.09 7.13 -15.82
N PRO A 254 8.83 8.23 -15.92
CA PRO A 254 9.93 8.47 -14.95
C PRO A 254 9.47 8.36 -13.51
N LEU A 255 8.26 8.85 -13.22
CA LEU A 255 7.75 8.77 -11.86
C LEU A 255 7.55 7.32 -11.41
N ALA A 256 6.91 6.50 -12.26
CA ALA A 256 6.70 5.09 -11.93
C ALA A 256 8.04 4.38 -11.75
N GLN A 257 9.03 4.71 -12.58
CA GLN A 257 10.36 4.10 -12.45
C GLN A 257 10.96 4.38 -11.08
N ARG A 258 10.84 5.62 -10.61
CA ARG A 258 11.39 5.96 -9.30
C ARG A 258 10.68 5.20 -8.20
N LEU A 259 9.34 5.09 -8.29
CA LEU A 259 8.56 4.35 -7.30
C LEU A 259 8.98 2.89 -7.21
N LEU A 260 9.51 2.32 -8.29
CA LEU A 260 9.90 0.92 -8.29
C LEU A 260 11.39 0.72 -8.01
N GLY A 261 12.12 1.78 -7.65
CA GLY A 261 13.54 1.62 -7.35
C GLY A 261 14.43 1.61 -8.58
N TRP A 262 13.90 2.04 -9.72
CA TRP A 262 14.68 2.17 -10.96
C TRP A 262 15.03 3.63 -11.26
N ALA A 263 15.39 4.38 -10.23
CA ALA A 263 15.87 5.75 -10.33
C ALA A 263 16.47 6.11 -8.99
N SER A 264 17.34 7.12 -9.00
CA SER A 264 17.86 7.60 -7.74
C SER A 264 16.73 8.32 -7.00
N GLN A 265 17.01 8.70 -5.74
CA GLN A 265 15.97 9.29 -4.90
C GLN A 265 16.58 10.50 -4.21
N ARG A 266 15.73 11.40 -3.73
CA ARG A 266 16.21 12.59 -3.02
C ARG A 266 15.59 12.69 -1.63
N SER A 267 16.35 13.21 -0.66
CA SER A 267 15.77 13.57 0.63
C SER A 267 15.42 15.05 0.62
N ALA A 268 14.75 15.48 1.68
CA ALA A 268 14.35 16.87 1.81
C ALA A 268 15.40 17.74 2.50
N ALA A 269 16.54 17.19 2.87
CA ALA A 269 17.58 18.01 3.50
C ALA A 269 18.00 19.15 2.59
N PRO A 270 18.11 20.38 3.10
CA PRO A 270 18.46 21.53 2.25
C PRO A 270 19.59 21.30 1.23
N ARG A 271 20.70 20.67 1.65
CA ARG A 271 21.77 20.34 0.71
C ARG A 271 21.84 18.81 0.50
N ASP A 272 20.67 18.22 0.27
CA ASP A 272 20.54 16.80 -0.02
C ASP A 272 21.61 16.29 -0.97
N ILE A 273 22.25 15.19 -0.59
CA ILE A 273 23.25 14.55 -1.43
C ILE A 273 22.70 13.31 -2.13
N GLY A 274 21.44 12.94 -1.85
CA GLY A 274 20.71 11.95 -2.63
C GLY A 274 20.89 10.52 -2.14
N LEU A 275 20.04 9.64 -2.68
CA LEU A 275 20.06 8.22 -2.34
C LEU A 275 20.19 7.40 -3.63
N LEU A 276 20.89 6.28 -3.55
CA LEU A 276 21.06 5.40 -4.71
C LEU A 276 21.70 6.16 -5.88
N THR A 277 22.70 6.98 -5.57
CA THR A 277 23.40 7.70 -6.62
C THR A 277 24.64 6.94 -7.07
N ILE A 278 25.27 7.43 -8.14
CA ILE A 278 26.45 6.79 -8.70
C ILE A 278 27.48 7.86 -9.04
N ARG A 279 28.43 8.06 -8.13
CA ARG A 279 29.50 9.04 -8.29
C ARG A 279 28.93 10.38 -8.74
N GLY A 280 27.86 10.80 -8.05
CA GLY A 280 27.27 12.10 -8.27
C GLY A 280 26.18 12.14 -9.33
N ASN A 281 25.93 11.04 -10.02
CA ASN A 281 24.92 10.99 -11.07
C ASN A 281 23.85 9.97 -10.71
N SER A 282 22.68 10.14 -11.34
CA SER A 282 21.54 9.28 -11.03
C SER A 282 21.68 7.91 -11.69
N ILE A 283 20.96 6.93 -11.13
CA ILE A 283 20.80 5.63 -11.81
C ILE A 283 20.38 5.84 -13.26
N GLU A 284 19.36 6.66 -13.46
CA GLU A 284 18.74 6.73 -14.78
C GLU A 284 19.64 7.46 -15.78
N LYS A 285 20.39 8.45 -15.32
CA LYS A 285 21.35 9.14 -16.15
C LYS A 285 22.52 8.20 -16.48
N THR A 286 22.94 7.39 -15.52
CA THR A 286 24.08 6.49 -15.70
C THR A 286 23.75 5.32 -16.61
N MET A 287 22.58 4.77 -16.48
CA MET A 287 22.20 3.64 -17.27
C MET A 287 21.58 3.97 -18.61
N ASN A 288 21.36 5.25 -18.84
CA ASN A 288 20.70 5.78 -20.01
C ASN A 288 19.35 5.06 -20.10
N LEU A 289 18.56 5.21 -19.04
CA LEU A 289 17.31 4.53 -18.92
C LEU A 289 16.22 5.27 -19.66
N LYS A 290 15.65 4.62 -20.64
CA LYS A 290 14.57 5.21 -21.37
C LYS A 290 13.26 5.11 -20.56
N ALA A 291 12.30 5.93 -20.92
CA ALA A 291 11.00 5.94 -20.28
C ALA A 291 9.92 6.10 -21.34
N GLU A 292 8.72 5.67 -21.01
CA GLU A 292 7.57 5.77 -21.89
C GLU A 292 7.76 5.19 -23.30
N GLN A 293 8.44 4.08 -23.37
CA GLN A 293 8.68 3.39 -24.59
C GLN A 293 7.77 2.22 -24.62
N PRO A 294 6.80 2.27 -25.50
CA PRO A 294 5.86 1.14 -25.60
C PRO A 294 6.58 -0.18 -25.87
N LEU A 295 6.00 -1.24 -25.36
CA LEU A 295 6.51 -2.58 -25.54
C LEU A 295 6.10 -3.03 -26.96
FE FE B . -2.07 -4.53 8.15
C1 SIN C . -7.63 -6.68 5.36
O1 SIN C . -8.62 -5.98 5.19
O2 SIN C . -7.71 -7.88 5.17
C2 SIN C . -6.27 -6.08 5.85
C3 SIN C . -5.12 -7.14 5.86
C4 SIN C . -3.70 -6.58 5.94
O3 SIN C . -3.55 -5.36 5.84
O4 SIN C . -2.67 -7.29 6.02
H21 SIN C . -6.38 -5.75 6.75
H22 SIN C . -6.00 -5.35 5.27
H31 SIN C . -5.26 -7.72 6.63
H32 SIN C . -5.16 -7.69 5.06
C1 CQ9 D . 0.04 -6.55 3.33
C2 CQ9 D . 0.56 -7.59 4.12
C3 CQ9 D . 1.43 -7.40 5.20
C4 CQ9 D . 1.90 -8.52 5.95
O5 CQ9 D . 2.16 -9.56 5.39
N6 CQ9 D . 2.12 -8.52 7.33
C7 CQ9 D . 1.83 -7.33 8.20
C8 CQ9 D . 0.88 -7.15 9.31
C9 CQ9 D . -0.02 -8.15 10.05
C10 CQ9 D . -0.03 -8.29 11.43
C11 CQ9 D . -0.86 -9.24 12.00
C12 CQ9 D . -1.65 -10.05 11.20
C13 CQ9 D . -1.62 -9.92 9.82
C14 CQ9 D . -0.78 -8.97 9.24
C15 CQ9 D . 2.62 -6.19 7.86
O16 CQ9 D . 3.34 -5.69 8.70
N17 CQ9 D . 2.65 -5.64 6.57
C18 CQ9 D . 1.82 -6.06 5.50
C19 CQ9 D . 1.29 -5.03 4.71
C20 CQ9 D . 0.41 -5.19 3.61
C23 CQ9 D . 2.60 -9.76 7.98
O35 CQ9 D . -0.41 -6.12 8.19
H11 CQ9 D . -0.52 -6.74 2.62
H21 CQ9 D . 0.33 -8.39 3.92
H36 CQ9 D . 1.22 -6.51 9.91
H101 CQ9 D . 0.50 -7.74 11.96
H111 CQ9 D . -0.90 -9.32 12.93
H121 CQ9 D . -2.21 -10.68 11.59
H131 CQ9 D . -2.16 -10.47 9.29
H141 CQ9 D . -0.75 -8.87 8.31
H171 CQ9 D . 3.38 -5.24 6.34
H191 CQ9 D . 1.53 -4.23 4.91
H201 CQ9 D . 0.08 -4.47 3.11
H231 CQ9 D . 2.63 -9.63 8.90
H232 CQ9 D . 2.01 -10.46 7.78
H233 CQ9 D . 3.45 -9.97 7.65
#